data_5TV7
#
_entry.id   5TV7
#
_cell.length_a   134.949
_cell.length_b   35.008
_cell.length_c   101.533
_cell.angle_alpha   90.00
_cell.angle_beta   126.25
_cell.angle_gamma   90.00
#
_symmetry.space_group_name_H-M   'C 1 2 1'
#
loop_
_entity.id
_entity.type
_entity.pdbx_description
1 polymer 'Putative peptidoglycan-binding/hydrolysing protein'
2 non-polymer 'GLUTAMINE HYDROXAMATE'
3 water water
#
_entity_poly.entity_id   1
_entity_poly.type   'polypeptide(L)'
_entity_poly.pdbx_seq_one_letter_code
;SNADTSKEKGGSKETVPEKNLDSFTLSGYIYTYENAPQEIRDEHKQN(CME)EEINIDPKPDDEIFVPESANL(MSE)NE
DNSKGVYASYTVSYNIGAKTITI(MSE)SNEYLTISTTKVIRKGNSGKEVKAAQI(MSE)LTLLGYNVGIDSSFGSKTYN
AVVSFQKKYGLSADGIIGPATWDKLGRLTDPTLS
;
_entity_poly.pdbx_strand_id   A,B
#
loop_
_chem_comp.id
_chem_comp.type
_chem_comp.name
_chem_comp.formula
HGA non-polymer 'GLUTAMINE HYDROXAMATE' 'C5 H10 N2 O4'
#
# COMPACT_ATOMS: atom_id res chain seq x y z
N LEU A 21 1.46 11.25 -22.39
CA LEU A 21 1.29 11.81 -21.02
C LEU A 21 -0.04 11.35 -20.40
N ASP A 22 -1.14 11.88 -20.97
CA ASP A 22 -2.49 11.60 -20.48
C ASP A 22 -2.94 10.15 -20.70
N SER A 23 -2.30 9.45 -21.63
CA SER A 23 -2.65 8.06 -21.91
C SER A 23 -2.16 7.09 -20.82
N PHE A 24 -1.30 7.55 -19.91
CA PHE A 24 -0.83 6.70 -18.80
C PHE A 24 -1.65 6.86 -17.51
N THR A 25 -2.69 7.70 -17.56
CA THR A 25 -3.55 7.93 -16.43
C THR A 25 -4.90 7.26 -16.66
N LEU A 26 -5.42 6.55 -15.66
CA LEU A 26 -6.72 5.91 -15.79
C LEU A 26 -7.70 6.56 -14.83
N SER A 27 -8.63 7.32 -15.39
CA SER A 27 -9.62 8.04 -14.62
C SER A 27 -11.01 7.48 -14.79
N GLY A 28 -11.83 7.68 -13.77
CA GLY A 28 -13.20 7.17 -13.77
C GLY A 28 -13.80 7.30 -12.41
N TYR A 29 -14.86 6.54 -12.16
CA TYR A 29 -15.59 6.60 -10.90
C TYR A 29 -15.65 5.26 -10.17
N ILE A 30 -15.52 5.29 -8.85
CA ILE A 30 -15.61 4.11 -8.01
C ILE A 30 -17.03 4.04 -7.51
N TYR A 31 -17.64 2.87 -7.68
CA TYR A 31 -19.01 2.62 -7.24
C TYR A 31 -18.99 1.41 -6.33
N THR A 32 -20.03 1.30 -5.51
CA THR A 32 -20.25 0.11 -4.74
C THR A 32 -21.18 -0.71 -5.65
N TYR A 33 -21.20 -2.03 -5.46
CA TYR A 33 -22.05 -2.89 -6.28
C TYR A 33 -23.51 -2.42 -6.27
N GLU A 34 -24.02 -2.06 -5.09
CA GLU A 34 -25.41 -1.59 -5.01
C GLU A 34 -25.63 -0.23 -5.70
N ASN A 35 -24.62 0.63 -5.71
CA ASN A 35 -24.74 1.96 -6.36
C ASN A 35 -24.34 1.97 -7.83
N ALA A 36 -23.61 0.95 -8.28
CA ALA A 36 -23.11 0.91 -9.65
C ALA A 36 -24.19 0.93 -10.72
N PRO A 37 -23.88 1.47 -11.92
CA PRO A 37 -24.86 1.41 -13.01
C PRO A 37 -25.20 -0.04 -13.28
N GLN A 38 -26.43 -0.30 -13.72
CA GLN A 38 -26.90 -1.66 -13.95
C GLN A 38 -26.03 -2.49 -14.89
N GLU A 39 -25.51 -1.86 -15.94
CA GLU A 39 -24.63 -2.56 -16.89
C GLU A 39 -23.35 -3.05 -16.19
N ILE A 40 -22.90 -2.26 -15.21
CA ILE A 40 -21.73 -2.59 -14.40
C ILE A 40 -22.14 -3.67 -13.37
N ARG A 41 -23.35 -3.57 -12.82
CA ARG A 41 -23.82 -4.58 -11.87
C ARG A 41 -23.91 -5.96 -12.50
N ASP A 42 -24.41 -6.02 -13.74
CA ASP A 42 -24.55 -7.29 -14.47
C ASP A 42 -23.20 -7.88 -14.82
N GLU A 43 -22.25 -7.02 -15.16
CA GLU A 43 -20.92 -7.47 -15.51
C GLU A 43 -20.26 -8.09 -14.25
N HIS A 44 -20.43 -7.41 -13.11
CA HIS A 44 -19.88 -7.89 -11.82
C HIS A 44 -20.58 -9.18 -11.40
N LYS A 45 -21.90 -9.21 -11.56
CA LYS A 45 -22.69 -10.38 -11.25
C LYS A 45 -22.14 -11.60 -11.99
N GLN A 46 -22.08 -11.50 -13.32
CA GLN A 46 -21.58 -12.61 -14.12
C GLN A 46 -20.14 -12.96 -13.77
N ASN A 47 -19.33 -11.96 -13.43
CA ASN A 47 -17.94 -12.19 -13.08
C ASN A 47 -17.84 -13.05 -11.80
N CME A 48 -18.62 -12.68 -10.78
CA CME A 48 -18.62 -13.43 -9.51
CB CME A 48 -19.42 -12.70 -8.41
SG CME A 48 -18.80 -11.09 -8.04
SD CME A 48 -16.88 -11.45 -7.54
CE CME A 48 -17.03 -12.15 -5.92
CZ CME A 48 -16.48 -11.17 -4.88
OH CME A 48 -17.48 -10.20 -4.56
C CME A 48 -19.17 -14.83 -9.68
O CME A 48 -18.67 -15.77 -9.06
N GLU A 49 -20.20 -14.99 -10.51
CA GLU A 49 -20.77 -16.31 -10.78
C GLU A 49 -19.75 -17.26 -11.46
N GLU A 50 -18.88 -16.71 -12.30
CA GLU A 50 -17.84 -17.50 -12.98
C GLU A 50 -16.79 -18.04 -12.01
N ILE A 51 -16.51 -17.32 -10.92
CA ILE A 51 -15.57 -17.78 -9.90
C ILE A 51 -16.35 -18.40 -8.72
N ASN A 52 -17.63 -18.64 -8.94
CA ASN A 52 -18.55 -19.26 -7.98
C ASN A 52 -18.56 -18.64 -6.58
N ILE A 53 -18.76 -17.33 -6.53
CA ILE A 53 -18.84 -16.58 -5.27
C ILE A 53 -19.98 -15.57 -5.45
N ASP A 54 -20.66 -15.24 -4.34
CA ASP A 54 -21.76 -14.27 -4.37
C ASP A 54 -21.28 -12.84 -4.26
N PRO A 55 -21.81 -11.94 -5.10
CA PRO A 55 -21.42 -10.54 -4.96
C PRO A 55 -22.06 -9.94 -3.70
N LYS A 56 -21.34 -9.05 -3.03
CA LYS A 56 -21.84 -8.37 -1.84
C LYS A 56 -22.14 -6.91 -2.18
N PRO A 57 -23.10 -6.27 -1.48
CA PRO A 57 -23.47 -4.87 -1.76
C PRO A 57 -22.34 -3.83 -1.72
N ASP A 58 -21.37 -4.04 -0.82
CA ASP A 58 -20.24 -3.11 -0.65
C ASP A 58 -19.00 -3.44 -1.52
N ASP A 59 -19.15 -4.29 -2.55
CA ASP A 59 -18.04 -4.60 -3.45
C ASP A 59 -17.70 -3.36 -4.27
N GLU A 60 -16.44 -2.97 -4.29
CA GLU A 60 -16.03 -1.81 -5.07
C GLU A 60 -15.77 -2.17 -6.51
N ILE A 61 -16.25 -1.32 -7.41
CA ILE A 61 -16.03 -1.48 -8.84
C ILE A 61 -15.59 -0.13 -9.36
N PHE A 62 -14.48 -0.09 -10.08
CA PHE A 62 -14.00 1.15 -10.69
C PHE A 62 -14.41 1.12 -12.15
N VAL A 63 -15.10 2.19 -12.57
CA VAL A 63 -15.59 2.32 -13.93
C VAL A 63 -14.82 3.43 -14.61
N PRO A 64 -13.97 3.08 -15.59
CA PRO A 64 -13.22 4.12 -16.29
C PRO A 64 -14.11 4.97 -17.20
N GLU A 65 -13.68 6.21 -17.44
CA GLU A 65 -14.41 7.12 -18.33
C GLU A 65 -14.40 6.58 -19.78
N SER A 66 -13.41 5.75 -20.12
CA SER A 66 -13.33 5.13 -21.47
C SER A 66 -14.47 4.12 -21.70
N ALA A 67 -15.01 3.55 -20.62
CA ALA A 67 -16.12 2.59 -20.71
C ALA A 67 -17.37 3.23 -21.30
N ASN A 68 -18.03 2.50 -22.20
CA ASN A 68 -19.21 2.97 -22.90
C ASN A 68 -20.51 2.71 -22.12
N LEU A 69 -20.92 3.69 -21.31
CA LEU A 69 -22.16 3.63 -20.56
C LEU A 69 -23.10 4.70 -21.14
N MSE A 70 -24.34 4.32 -21.42
CA MSE A 70 -25.29 5.23 -22.06
C MSE A 70 -25.83 6.28 -21.11
O MSE A 70 -25.78 7.47 -21.44
CB MSE A 70 -26.44 4.43 -22.69
CG MSE A 70 -26.79 4.96 -24.08
SE MSE A 70 -25.45 4.36 -25.41
CE MSE A 70 -26.47 2.87 -26.23
N ASN A 71 -26.35 5.85 -19.96
CA ASN A 71 -26.94 6.77 -18.98
C ASN A 71 -26.36 6.55 -17.58
N GLU A 72 -25.11 6.97 -17.41
CA GLU A 72 -24.39 6.86 -16.14
C GLU A 72 -24.47 8.18 -15.38
N ASP A 73 -24.87 8.12 -14.10
CA ASP A 73 -24.86 9.31 -13.25
C ASP A 73 -23.68 9.16 -12.29
N ASN A 74 -22.75 10.11 -12.38
CA ASN A 74 -21.53 10.10 -11.59
C ASN A 74 -21.78 10.44 -10.11
N SER A 75 -22.93 11.04 -9.80
CA SER A 75 -23.29 11.41 -8.43
C SER A 75 -23.22 10.25 -7.44
N LYS A 76 -23.61 9.05 -7.88
CA LYS A 76 -23.58 7.86 -7.03
C LYS A 76 -22.16 7.31 -6.83
N GLY A 77 -21.20 7.78 -7.64
CA GLY A 77 -19.81 7.33 -7.57
C GLY A 77 -18.84 8.33 -6.98
N VAL A 78 -17.57 7.94 -6.99
CA VAL A 78 -16.47 8.75 -6.47
C VAL A 78 -15.35 8.78 -7.49
N TYR A 79 -14.94 9.98 -7.91
CA TYR A 79 -13.90 10.13 -8.92
C TYR A 79 -12.55 9.64 -8.40
N ALA A 80 -11.81 8.95 -9.27
CA ALA A 80 -10.48 8.44 -8.96
C ALA A 80 -9.64 8.47 -10.23
N SER A 81 -8.35 8.73 -10.07
CA SER A 81 -7.41 8.83 -11.16
C SER A 81 -6.15 8.01 -10.80
N TYR A 82 -5.88 6.94 -11.55
CA TYR A 82 -4.75 6.05 -11.26
C TYR A 82 -3.60 6.16 -12.23
N THR A 83 -2.39 6.07 -11.68
CA THR A 83 -1.15 6.01 -12.45
C THR A 83 -0.35 4.85 -11.88
N VAL A 84 0.71 4.43 -12.57
CA VAL A 84 1.45 3.25 -12.21
C VAL A 84 2.94 3.53 -12.05
N SER A 85 3.52 2.98 -10.99
CA SER A 85 4.94 3.10 -10.73
C SER A 85 5.45 1.69 -10.54
N TYR A 86 6.41 1.30 -11.36
CA TYR A 86 6.98 -0.03 -11.29
C TYR A 86 8.42 0.09 -10.84
N ASN A 87 8.71 -0.46 -9.67
CA ASN A 87 10.06 -0.45 -9.13
C ASN A 87 10.67 -1.81 -9.44
N ILE A 88 11.43 -1.84 -10.54
CA ILE A 88 12.08 -3.07 -11.02
C ILE A 88 12.98 -3.72 -9.99
N GLY A 89 13.85 -2.93 -9.36
CA GLY A 89 14.76 -3.45 -8.33
C GLY A 89 14.04 -4.04 -7.13
N ALA A 90 13.00 -3.35 -6.66
CA ALA A 90 12.24 -3.81 -5.50
C ALA A 90 11.20 -4.87 -5.85
N LYS A 91 11.03 -5.17 -7.14
CA LYS A 91 10.01 -6.15 -7.57
C LYS A 91 8.61 -5.78 -7.05
N THR A 92 8.26 -4.51 -7.19
CA THR A 92 6.94 -4.03 -6.74
C THR A 92 6.32 -3.10 -7.77
N ILE A 93 5.00 -3.09 -7.77
CA ILE A 93 4.21 -2.19 -8.60
C ILE A 93 3.28 -1.44 -7.68
N THR A 94 3.25 -0.12 -7.84
CA THR A 94 2.37 0.71 -7.03
C THR A 94 1.36 1.38 -7.93
N ILE A 95 0.09 1.22 -7.59
CA ILE A 95 -1.00 1.90 -8.24
C ILE A 95 -1.26 3.16 -7.37
N MSE A 96 -1.11 4.32 -7.99
CA MSE A 96 -1.21 5.61 -7.28
C MSE A 96 -2.44 6.41 -7.64
O MSE A 96 -2.74 6.62 -8.80
CB MSE A 96 0.03 6.44 -7.61
CG MSE A 96 1.28 5.58 -7.74
SE MSE A 96 2.94 6.65 -7.81
CE MSE A 96 2.90 6.95 -9.77
N SER A 97 -3.15 6.85 -6.60
CA SER A 97 -4.30 7.73 -6.72
C SER A 97 -4.12 8.65 -5.51
N ASN A 98 -5.17 8.89 -4.73
CA ASN A 98 -4.97 9.61 -3.47
C ASN A 98 -4.35 8.63 -2.48
N GLU A 99 -4.58 7.34 -2.74
CA GLU A 99 -4.05 6.26 -1.94
C GLU A 99 -3.01 5.50 -2.75
N TYR A 100 -2.26 4.61 -2.11
CA TYR A 100 -1.21 3.86 -2.76
C TYR A 100 -1.40 2.38 -2.53
N LEU A 101 -1.65 1.66 -3.62
N LEU A 101 -1.65 1.66 -3.60
CA LEU A 101 -1.84 0.23 -3.61
CA LEU A 101 -1.86 0.22 -3.55
C LEU A 101 -0.58 -0.38 -4.17
C LEU A 101 -0.62 -0.41 -4.16
N THR A 102 0.20 -1.06 -3.33
CA THR A 102 1.45 -1.68 -3.77
C THR A 102 1.38 -3.20 -3.67
N ILE A 103 1.88 -3.88 -4.72
CA ILE A 103 1.90 -5.35 -4.78
C ILE A 103 3.29 -5.84 -5.20
N SER A 104 3.59 -7.10 -4.87
CA SER A 104 4.87 -7.73 -5.23
C SER A 104 4.71 -8.43 -6.57
N THR A 105 5.67 -8.22 -7.48
CA THR A 105 5.64 -8.88 -8.79
C THR A 105 6.02 -10.37 -8.68
N THR A 106 6.29 -10.85 -7.47
CA THR A 106 6.58 -12.27 -7.25
C THR A 106 5.28 -13.03 -6.98
N LYS A 107 4.17 -12.32 -6.73
CA LYS A 107 2.88 -12.97 -6.46
C LYS A 107 2.31 -13.49 -7.76
N VAL A 108 1.76 -14.70 -7.72
CA VAL A 108 1.14 -15.29 -8.88
C VAL A 108 -0.37 -15.23 -8.67
N ILE A 109 -1.10 -14.65 -9.62
CA ILE A 109 -2.58 -14.67 -9.56
C ILE A 109 -3.15 -15.35 -10.80
N ARG A 110 -4.34 -15.93 -10.64
N ARG A 110 -4.32 -15.96 -10.63
CA ARG A 110 -4.99 -16.65 -11.72
CA ARG A 110 -4.97 -16.70 -11.70
C ARG A 110 -6.50 -16.65 -11.54
C ARG A 110 -6.49 -16.69 -11.52
N LYS A 111 -7.20 -17.21 -12.52
CA LYS A 111 -8.66 -17.26 -12.48
C LYS A 111 -9.16 -17.89 -11.17
N GLY A 112 -10.06 -17.19 -10.49
CA GLY A 112 -10.58 -17.63 -9.21
C GLY A 112 -10.13 -16.75 -8.04
N ASN A 113 -8.95 -16.15 -8.17
CA ASN A 113 -8.41 -15.27 -7.12
C ASN A 113 -9.14 -13.92 -7.07
N SER A 114 -9.08 -13.29 -5.90
N SER A 114 -9.00 -13.27 -5.93
CA SER A 114 -9.67 -11.97 -5.65
CA SER A 114 -9.55 -11.94 -5.76
C SER A 114 -8.80 -11.20 -4.65
C SER A 114 -8.57 -11.20 -4.85
N GLY A 115 -8.69 -9.88 -4.85
CA GLY A 115 -7.87 -9.05 -3.97
C GLY A 115 -7.19 -7.91 -4.67
N LYS A 116 -6.27 -7.25 -3.95
N LYS A 116 -6.30 -7.24 -3.92
CA LYS A 116 -5.60 -6.06 -4.46
CA LYS A 116 -5.53 -6.10 -4.41
C LYS A 116 -4.68 -6.33 -5.65
C LYS A 116 -4.71 -6.36 -5.66
N GLU A 117 -4.06 -7.51 -5.71
CA GLU A 117 -3.22 -7.85 -6.86
C GLU A 117 -4.06 -7.92 -8.13
N VAL A 118 -5.23 -8.53 -8.00
CA VAL A 118 -6.15 -8.64 -9.13
C VAL A 118 -6.56 -7.23 -9.60
N LYS A 119 -6.89 -6.36 -8.65
CA LYS A 119 -7.29 -4.99 -8.99
C LYS A 119 -6.18 -4.27 -9.75
N ALA A 120 -4.95 -4.40 -9.27
CA ALA A 120 -3.80 -3.76 -9.90
C ALA A 120 -3.64 -4.23 -11.33
N ALA A 121 -3.76 -5.54 -11.55
CA ALA A 121 -3.64 -6.10 -12.90
C ALA A 121 -4.76 -5.58 -13.80
N GLN A 122 -5.96 -5.46 -13.25
CA GLN A 122 -7.10 -5.00 -14.02
C GLN A 122 -6.95 -3.54 -14.44
N ILE A 123 -6.40 -2.74 -13.55
CA ILE A 123 -6.14 -1.35 -13.86
C ILE A 123 -5.12 -1.25 -15.00
N MSE A 124 -4.05 -2.00 -14.90
CA MSE A 124 -3.00 -1.98 -15.94
C MSE A 124 -3.50 -2.50 -17.27
O MSE A 124 -3.20 -1.92 -18.33
CB MSE A 124 -1.78 -2.75 -15.43
CG MSE A 124 -1.10 -1.92 -14.35
SE MSE A 124 0.62 -2.69 -13.85
CE MSE A 124 -0.05 -4.22 -12.87
N LEU A 125 -4.25 -3.60 -17.25
CA LEU A 125 -4.80 -4.17 -18.49
C LEU A 125 -5.77 -3.17 -19.12
N THR A 126 -6.58 -2.50 -18.30
CA THR A 126 -7.50 -1.50 -18.81
C THR A 126 -6.75 -0.32 -19.48
N LEU A 127 -5.63 0.12 -18.90
CA LEU A 127 -4.80 1.18 -19.51
C LEU A 127 -4.27 0.79 -20.89
N LEU A 128 -4.02 -0.49 -21.09
CA LEU A 128 -3.52 -0.99 -22.37
C LEU A 128 -4.61 -1.30 -23.38
N GLY A 129 -5.86 -1.02 -22.98
CA GLY A 129 -7.01 -1.16 -23.83
C GLY A 129 -7.90 -2.37 -23.61
N TYR A 130 -7.50 -3.30 -22.74
CA TYR A 130 -8.29 -4.52 -22.54
C TYR A 130 -9.59 -4.22 -21.81
N ASN A 131 -10.61 -4.96 -22.19
CA ASN A 131 -11.91 -4.82 -21.60
C ASN A 131 -12.07 -5.89 -20.52
N VAL A 132 -11.86 -5.46 -19.29
CA VAL A 132 -12.03 -6.31 -18.11
C VAL A 132 -12.77 -5.41 -17.14
N GLY A 133 -13.54 -5.99 -16.25
CA GLY A 133 -14.19 -5.17 -15.23
C GLY A 133 -13.17 -4.99 -14.14
N ILE A 134 -13.06 -3.78 -13.58
CA ILE A 134 -12.10 -3.53 -12.51
C ILE A 134 -12.81 -3.67 -11.17
N ASP A 135 -12.95 -4.92 -10.74
CA ASP A 135 -13.67 -5.26 -9.49
C ASP A 135 -12.88 -6.18 -8.55
N SER A 136 -11.58 -6.34 -8.80
CA SER A 136 -10.72 -7.18 -7.95
C SER A 136 -10.98 -8.68 -8.01
N SER A 137 -11.87 -9.15 -8.89
CA SER A 137 -12.13 -10.59 -9.05
C SER A 137 -11.64 -11.07 -10.43
N PHE A 138 -10.78 -12.08 -10.41
CA PHE A 138 -10.15 -12.63 -11.61
C PHE A 138 -11.09 -13.68 -12.22
N GLY A 139 -11.98 -13.22 -13.09
CA GLY A 139 -12.93 -14.08 -13.79
C GLY A 139 -12.54 -14.28 -15.24
N SER A 140 -13.50 -14.68 -16.05
CA SER A 140 -13.27 -14.98 -17.46
C SER A 140 -12.76 -13.82 -18.31
N LYS A 141 -13.28 -12.62 -18.09
CA LYS A 141 -12.84 -11.47 -18.86
C LYS A 141 -11.40 -11.13 -18.59
N THR A 142 -10.98 -11.26 -17.33
CA THR A 142 -9.59 -11.01 -16.96
C THR A 142 -8.71 -12.08 -17.56
N TYR A 143 -9.16 -13.33 -17.52
CA TYR A 143 -8.42 -14.44 -18.10
C TYR A 143 -8.18 -14.20 -19.59
N ASN A 144 -9.24 -13.87 -20.32
CA ASN A 144 -9.13 -13.62 -21.78
C ASN A 144 -8.17 -12.49 -22.08
N ALA A 145 -8.23 -11.43 -21.27
CA ALA A 145 -7.37 -10.29 -21.45
C ALA A 145 -5.91 -10.67 -21.22
N VAL A 146 -5.65 -11.42 -20.15
CA VAL A 146 -4.30 -11.85 -19.83
C VAL A 146 -3.73 -12.72 -20.94
N VAL A 147 -4.50 -13.69 -21.42
CA VAL A 147 -4.06 -14.55 -22.56
C VAL A 147 -3.75 -13.69 -23.79
N SER A 148 -4.64 -12.74 -24.10
CA SER A 148 -4.44 -11.86 -25.26
C SER A 148 -3.18 -11.01 -25.11
N PHE A 149 -3.02 -10.44 -23.93
CA PHE A 149 -1.85 -9.64 -23.60
C PHE A 149 -0.59 -10.46 -23.74
N GLN A 150 -0.60 -11.66 -23.19
CA GLN A 150 0.56 -12.55 -23.28
C GLN A 150 0.90 -12.88 -24.72
N LYS A 151 -0.12 -13.16 -25.54
CA LYS A 151 0.14 -13.45 -26.95
C LYS A 151 0.70 -12.24 -27.66
N LYS A 152 0.14 -11.06 -27.40
CA LYS A 152 0.61 -9.85 -28.03
C LYS A 152 2.09 -9.59 -27.74
N TYR A 153 2.51 -9.82 -26.49
CA TYR A 153 3.90 -9.54 -26.11
C TYR A 153 4.87 -10.70 -26.07
N GLY A 154 4.52 -11.83 -26.67
CA GLY A 154 5.43 -12.97 -26.73
C GLY A 154 5.69 -13.72 -25.43
N LEU A 155 4.78 -13.58 -24.47
CA LEU A 155 4.86 -14.31 -23.21
C LEU A 155 4.05 -15.60 -23.38
N SER A 156 4.37 -16.61 -22.58
CA SER A 156 3.58 -17.84 -22.56
C SER A 156 2.14 -17.45 -22.16
N ALA A 157 1.18 -17.86 -22.99
CA ALA A 157 -0.20 -17.48 -22.81
C ALA A 157 -0.96 -18.45 -21.94
N ASP A 158 -0.54 -18.56 -20.69
CA ASP A 158 -1.19 -19.47 -19.74
C ASP A 158 -2.32 -18.83 -18.91
N GLY A 159 -2.57 -17.53 -19.12
CA GLY A 159 -3.61 -16.83 -18.40
C GLY A 159 -3.29 -16.56 -16.93
N ILE A 160 -2.05 -16.79 -16.55
CA ILE A 160 -1.60 -16.60 -15.18
C ILE A 160 -0.68 -15.40 -15.10
N ILE A 161 -0.94 -14.52 -14.14
CA ILE A 161 -0.08 -13.37 -14.00
C ILE A 161 0.98 -13.72 -12.96
N GLY A 162 2.18 -13.96 -13.44
CA GLY A 162 3.34 -14.22 -12.62
C GLY A 162 4.39 -13.18 -12.95
N PRO A 163 5.61 -13.39 -12.48
CA PRO A 163 6.72 -12.43 -12.64
C PRO A 163 6.90 -11.83 -14.03
N ALA A 164 6.94 -12.67 -15.07
CA ALA A 164 7.17 -12.16 -16.43
C ALA A 164 6.02 -11.27 -16.90
N THR A 165 4.78 -11.66 -16.59
CA THR A 165 3.62 -10.90 -17.02
C THR A 165 3.52 -9.57 -16.23
N TRP A 166 3.84 -9.61 -14.93
CA TRP A 166 3.84 -8.37 -14.12
C TRP A 166 4.85 -7.40 -14.66
N ASP A 167 6.03 -7.92 -15.01
CA ASP A 167 7.11 -7.10 -15.51
C ASP A 167 6.72 -6.38 -16.78
N LYS A 168 6.06 -7.11 -17.69
CA LYS A 168 5.66 -6.54 -18.97
C LYS A 168 4.56 -5.49 -18.75
N LEU A 169 3.58 -5.81 -17.91
CA LEU A 169 2.52 -4.86 -17.58
C LEU A 169 3.10 -3.59 -17.00
N GLY A 170 4.03 -3.75 -16.06
CA GLY A 170 4.68 -2.62 -15.41
C GLY A 170 5.46 -1.73 -16.36
N ARG A 171 6.24 -2.32 -17.25
CA ARG A 171 7.05 -1.56 -18.20
C ARG A 171 6.20 -0.78 -19.19
N LEU A 172 5.06 -1.34 -19.58
CA LEU A 172 4.16 -0.69 -20.53
C LEU A 172 3.28 0.39 -19.93
N THR A 173 2.99 0.30 -18.64
CA THR A 173 2.10 1.28 -18.00
C THR A 173 2.78 2.35 -17.16
N ASP A 174 4.07 2.18 -16.88
CA ASP A 174 4.86 3.19 -16.16
C ASP A 174 5.55 4.02 -17.25
N PRO A 175 5.14 5.29 -17.42
CA PRO A 175 5.74 6.10 -18.49
C PRO A 175 7.24 6.36 -18.36
N THR A 176 7.78 6.29 -17.14
CA THR A 176 9.21 6.52 -16.92
C THR A 176 10.06 5.33 -17.37
N LEU A 177 9.41 4.20 -17.69
CA LEU A 177 10.11 2.99 -18.12
C LEU A 177 9.89 2.69 -19.59
N SER A 178 10.91 2.09 -20.20
CA SER A 178 10.86 1.68 -21.61
C SER A 178 10.31 0.25 -21.67
N LEU B 21 23.36 -5.56 6.53
CA LEU B 21 22.38 -6.40 5.79
C LEU B 21 21.15 -6.64 6.69
N ASP B 22 21.35 -7.37 7.79
CA ASP B 22 20.28 -7.65 8.76
C ASP B 22 19.93 -6.39 9.57
N SER B 23 20.82 -5.41 9.57
CA SER B 23 20.59 -4.13 10.22
C SER B 23 19.60 -3.25 9.44
N PHE B 24 19.21 -3.67 8.22
CA PHE B 24 18.20 -2.92 7.44
C PHE B 24 16.80 -3.53 7.57
N THR B 25 16.69 -4.54 8.41
CA THR B 25 15.44 -5.24 8.65
C THR B 25 14.99 -4.96 10.08
N LEU B 26 13.74 -4.56 10.27
CA LEU B 26 13.22 -4.33 11.62
C LEU B 26 12.22 -5.43 11.94
N SER B 27 12.58 -6.30 12.85
CA SER B 27 11.72 -7.40 13.23
C SER B 27 11.20 -7.24 14.61
N GLY B 28 10.03 -7.81 14.85
CA GLY B 28 9.38 -7.72 16.15
C GLY B 28 7.99 -8.29 16.11
N TYR B 29 7.17 -7.89 17.08
CA TYR B 29 5.82 -8.41 17.19
C TYR B 29 4.74 -7.30 17.18
N ILE B 30 3.66 -7.56 16.43
CA ILE B 30 2.53 -6.66 16.35
C ILE B 30 1.52 -7.09 17.40
N TYR B 31 1.10 -6.15 18.22
CA TYR B 31 0.10 -6.37 19.26
C TYR B 31 -1.03 -5.39 19.05
N THR B 32 -2.15 -5.65 19.71
CA THR B 32 -3.25 -4.72 19.75
C THR B 32 -3.07 -4.07 21.11
N TYR B 33 -3.65 -2.90 21.31
CA TYR B 33 -3.55 -2.22 22.60
C TYR B 33 -4.05 -3.09 23.75
N GLU B 34 -5.19 -3.76 23.57
CA GLU B 34 -5.75 -4.58 24.65
C GLU B 34 -4.87 -5.80 24.99
N ASN B 35 -4.20 -6.40 24.01
CA ASN B 35 -3.36 -7.57 24.29
C ASN B 35 -1.85 -7.29 24.40
N ALA B 36 -1.44 -6.02 24.34
CA ALA B 36 -0.01 -5.68 24.42
C ALA B 36 0.52 -5.79 25.85
N PRO B 37 1.85 -6.00 26.01
CA PRO B 37 2.43 -6.03 27.37
C PRO B 37 2.16 -4.70 28.09
N GLN B 38 2.08 -4.75 29.42
CA GLN B 38 1.74 -3.56 30.21
C GLN B 38 2.63 -2.32 29.92
N GLU B 39 3.93 -2.52 29.81
CA GLU B 39 4.86 -1.41 29.51
C GLU B 39 4.46 -0.71 28.20
N ILE B 40 4.09 -1.51 27.20
CA ILE B 40 3.68 -1.02 25.90
C ILE B 40 2.32 -0.32 26.00
N ARG B 41 1.41 -0.85 26.82
CA ARG B 41 0.11 -0.21 27.03
C ARG B 41 0.29 1.17 27.66
N ASP B 42 1.14 1.24 28.68
CA ASP B 42 1.43 2.51 29.38
C ASP B 42 2.00 3.56 28.42
N GLU B 43 2.93 3.12 27.59
CA GLU B 43 3.57 4.02 26.62
C GLU B 43 2.55 4.51 25.59
N HIS B 44 1.64 3.63 25.18
CA HIS B 44 0.64 3.99 24.18
C HIS B 44 -0.42 4.91 24.75
N LYS B 45 -0.86 4.63 25.98
CA LYS B 45 -1.86 5.49 26.61
C LYS B 45 -1.31 6.90 26.73
N GLN B 46 -0.07 7.01 27.22
CA GLN B 46 0.59 8.29 27.38
C GLN B 46 0.71 9.02 26.04
N ASN B 47 1.12 8.29 25.01
CA ASN B 47 1.30 8.87 23.68
C ASN B 47 0.00 9.48 23.13
N CME B 48 -1.11 8.77 23.32
CA CME B 48 -2.42 9.23 22.82
CB CME B 48 -3.48 8.13 22.87
SG CME B 48 -2.99 6.67 22.01
SD CME B 48 -2.89 7.27 20.10
CE CME B 48 -4.59 7.21 19.61
CZ CME B 48 -4.86 5.95 18.78
OH CME B 48 -6.19 5.46 19.04
C CME B 48 -2.95 10.42 23.60
O CME B 48 -3.41 11.39 22.99
N GLU B 49 -2.94 10.34 24.92
CA GLU B 49 -3.41 11.44 25.77
C GLU B 49 -2.60 12.72 25.52
N GLU B 50 -1.35 12.50 25.11
CA GLU B 50 -0.40 13.56 24.77
C GLU B 50 -0.94 14.38 23.59
N ILE B 51 -1.52 13.67 22.61
CA ILE B 51 -2.10 14.29 21.40
C ILE B 51 -3.64 14.39 21.46
N ASN B 52 -4.20 14.41 22.67
CA ASN B 52 -5.65 14.54 22.91
C ASN B 52 -6.54 13.56 22.15
N ILE B 53 -6.21 12.27 22.25
CA ILE B 53 -6.99 11.19 21.64
C ILE B 53 -7.00 10.02 22.64
N ASP B 54 -8.08 9.26 22.64
CA ASP B 54 -8.20 8.10 23.53
C ASP B 54 -7.77 6.84 22.81
N PRO B 55 -7.01 5.97 23.49
CA PRO B 55 -6.61 4.73 22.84
C PRO B 55 -7.80 3.79 22.68
N LYS B 56 -7.72 2.89 21.71
CA LYS B 56 -8.77 1.91 21.46
C LYS B 56 -8.19 0.51 21.54
N PRO B 57 -8.98 -0.46 22.05
CA PRO B 57 -8.52 -1.85 22.18
C PRO B 57 -7.80 -2.42 20.96
N ASP B 58 -8.31 -2.11 19.76
CA ASP B 58 -7.71 -2.63 18.50
C ASP B 58 -6.60 -1.76 17.88
N ASP B 59 -6.12 -0.75 18.61
CA ASP B 59 -4.99 0.06 18.14
C ASP B 59 -3.80 -0.87 17.98
N GLU B 60 -3.18 -0.89 16.79
N GLU B 60 -3.18 -0.83 16.80
CA GLU B 60 -2.04 -1.76 16.55
CA GLU B 60 -2.03 -1.66 16.48
C GLU B 60 -0.73 -1.08 16.92
C GLU B 60 -0.73 -1.02 16.99
N ILE B 61 0.12 -1.83 17.63
CA ILE B 61 1.39 -1.37 18.14
C ILE B 61 2.45 -2.41 17.78
N PHE B 62 3.52 -1.98 17.11
CA PHE B 62 4.61 -2.89 16.76
C PHE B 62 5.74 -2.72 17.77
N VAL B 63 6.16 -3.82 18.37
CA VAL B 63 7.23 -3.86 19.35
C VAL B 63 8.43 -4.57 18.72
N PRO B 64 9.52 -3.84 18.45
CA PRO B 64 10.71 -4.47 17.86
C PRO B 64 11.43 -5.37 18.85
N GLU B 65 12.19 -6.34 18.34
CA GLU B 65 12.98 -7.22 19.20
C GLU B 65 14.01 -6.42 20.00
N SER B 66 14.50 -5.32 19.42
CA SER B 66 15.48 -4.45 20.09
C SER B 66 14.95 -3.87 21.42
N ALA B 67 13.65 -3.58 21.49
CA ALA B 67 13.04 -3.05 22.71
C ALA B 67 13.13 -4.09 23.82
N ASN B 68 13.73 -3.71 24.95
CA ASN B 68 13.92 -4.64 26.08
C ASN B 68 12.74 -4.69 27.04
N LEU B 69 11.92 -5.73 26.87
CA LEU B 69 10.79 -6.01 27.76
C LEU B 69 11.29 -7.16 28.62
N MSE B 70 11.13 -7.06 29.93
CA MSE B 70 11.67 -8.10 30.84
C MSE B 70 11.05 -9.47 30.69
O MSE B 70 11.75 -10.47 30.76
CB MSE B 70 11.59 -7.63 32.30
CG MSE B 70 12.51 -6.42 32.56
SE MSE B 70 14.39 -6.82 32.08
CE MSE B 70 14.50 -5.84 30.38
N ASN B 71 9.74 -9.52 30.46
CA ASN B 71 9.03 -10.80 30.29
C ASN B 71 7.88 -10.65 29.27
N GLU B 72 8.26 -10.57 28.00
CA GLU B 72 7.31 -10.39 26.89
C GLU B 72 6.49 -11.64 26.60
N ASP B 73 5.16 -11.47 26.56
CA ASP B 73 4.22 -12.53 26.22
C ASP B 73 3.88 -12.35 24.74
N ASN B 74 4.80 -12.81 23.88
CA ASN B 74 4.64 -12.71 22.42
C ASN B 74 3.88 -13.89 21.79
N SER B 75 3.22 -14.71 22.62
CA SER B 75 2.37 -15.81 22.12
C SER B 75 1.16 -15.23 21.39
N LYS B 76 0.73 -14.05 21.85
CA LYS B 76 -0.40 -13.30 21.27
C LYS B 76 0.07 -12.31 20.20
N GLY B 77 1.35 -11.91 20.27
CA GLY B 77 1.90 -11.01 19.28
C GLY B 77 2.13 -11.72 17.96
N VAL B 78 1.94 -10.99 16.86
CA VAL B 78 2.14 -11.51 15.52
C VAL B 78 3.50 -11.04 15.01
N TYR B 79 4.35 -11.98 14.61
CA TYR B 79 5.69 -11.64 14.14
C TYR B 79 5.65 -10.93 12.80
N ALA B 80 6.50 -9.91 12.65
CA ALA B 80 6.60 -9.13 11.42
C ALA B 80 8.03 -8.65 11.21
N SER B 81 8.44 -8.56 9.96
N SER B 81 8.46 -8.60 9.96
CA SER B 81 9.79 -8.15 9.58
CA SER B 81 9.79 -8.12 9.58
C SER B 81 9.70 -7.08 8.49
C SER B 81 9.65 -7.06 8.50
N TYR B 82 10.08 -5.84 8.81
CA TYR B 82 9.99 -4.72 7.87
C TYR B 82 11.31 -4.31 7.24
N THR B 83 11.25 -4.02 5.95
CA THR B 83 12.38 -3.48 5.17
C THR B 83 11.83 -2.24 4.47
N VAL B 84 12.73 -1.44 3.89
CA VAL B 84 12.35 -0.18 3.28
C VAL B 84 12.82 -0.08 1.86
N SER B 85 11.93 0.43 1.01
CA SER B 85 12.23 0.67 -0.40
C SER B 85 11.83 2.11 -0.71
N TYR B 86 12.81 2.91 -1.11
CA TYR B 86 12.57 4.30 -1.40
C TYR B 86 12.71 4.52 -2.89
N ASN B 87 11.61 4.90 -3.53
CA ASN B 87 11.60 5.15 -4.96
C ASN B 87 11.74 6.66 -5.15
N ILE B 88 12.97 7.09 -5.39
CA ILE B 88 13.30 8.51 -5.52
C ILE B 88 12.51 9.18 -6.62
N GLY B 89 12.52 8.61 -7.83
CA GLY B 89 11.77 9.16 -8.96
C GLY B 89 10.29 9.33 -8.71
N ALA B 90 9.66 8.33 -8.11
CA ALA B 90 8.22 8.35 -7.82
C ALA B 90 7.87 9.12 -6.55
N LYS B 91 8.88 9.49 -5.75
CA LYS B 91 8.63 10.21 -4.49
C LYS B 91 7.74 9.37 -3.55
N THR B 92 8.09 8.10 -3.42
CA THR B 92 7.35 7.20 -2.54
C THR B 92 8.32 6.36 -1.74
N ILE B 93 7.85 5.95 -0.57
CA ILE B 93 8.56 5.05 0.32
C ILE B 93 7.60 3.92 0.60
N THR B 94 8.09 2.69 0.47
CA THR B 94 7.30 1.51 0.75
C THR B 94 7.95 0.75 1.91
N ILE B 95 7.13 0.45 2.91
CA ILE B 95 7.52 -0.39 4.03
C ILE B 95 7.02 -1.78 3.66
N MSE B 96 7.95 -2.71 3.50
CA MSE B 96 7.65 -4.08 3.07
C MSE B 96 7.75 -5.11 4.16
O MSE B 96 8.71 -5.14 4.92
CB MSE B 96 8.66 -4.44 1.97
CG MSE B 96 8.78 -3.31 0.94
SE MSE B 96 9.94 -3.77 -0.59
CE MSE B 96 11.64 -3.91 0.39
N SER B 97 6.71 -5.93 4.27
CA SER B 97 6.65 -7.07 5.18
C SER B 97 5.85 -8.08 4.38
N ASN B 98 4.87 -8.74 4.99
CA ASN B 98 3.98 -9.60 4.18
C ASN B 98 3.03 -8.66 3.44
N GLU B 99 2.84 -7.47 3.99
CA GLU B 99 2.02 -6.41 3.40
C GLU B 99 2.93 -5.29 2.90
N TYR B 100 2.37 -4.40 2.09
CA TYR B 100 3.11 -3.28 1.53
C TYR B 100 2.42 -2.00 1.90
N LEU B 101 3.13 -1.18 2.67
N LEU B 101 3.10 -1.18 2.69
CA LEU B 101 2.67 0.10 3.13
CA LEU B 101 2.59 0.10 3.13
C LEU B 101 3.41 1.16 2.34
C LEU B 101 3.38 1.18 2.38
N THR B 102 2.73 1.85 1.44
CA THR B 102 3.37 2.88 0.62
C THR B 102 2.84 4.28 0.95
N ILE B 103 3.75 5.24 1.04
CA ILE B 103 3.42 6.64 1.34
C ILE B 103 4.14 7.58 0.39
N SER B 104 3.60 8.78 0.23
CA SER B 104 4.20 9.81 -0.62
C SER B 104 5.17 10.65 0.20
N THR B 105 6.36 10.89 -0.33
CA THR B 105 7.35 11.72 0.36
C THR B 105 6.99 13.22 0.23
N THR B 106 5.85 13.53 -0.41
CA THR B 106 5.37 14.91 -0.50
C THR B 106 4.45 15.22 0.68
N LYS B 107 4.03 14.18 1.40
CA LYS B 107 3.19 14.36 2.59
C LYS B 107 3.98 14.99 3.72
N VAL B 108 3.37 15.94 4.40
CA VAL B 108 3.99 16.57 5.54
C VAL B 108 3.25 16.05 6.78
N ILE B 109 3.98 15.46 7.73
CA ILE B 109 3.38 15.04 9.01
C ILE B 109 4.08 15.73 10.17
N ARG B 110 3.33 15.98 11.23
N ARG B 110 3.33 15.96 11.23
CA ARG B 110 3.84 16.67 12.41
CA ARG B 110 3.82 16.67 12.40
C ARG B 110 3.12 16.18 13.65
C ARG B 110 3.13 16.17 13.66
N LYS B 111 3.59 16.66 14.80
CA LYS B 111 3.03 16.26 16.10
C LYS B 111 1.52 16.46 16.11
N GLY B 112 0.81 15.41 16.49
CA GLY B 112 -0.65 15.44 16.51
C GLY B 112 -1.27 14.56 15.44
N ASN B 113 -0.57 14.36 14.32
CA ASN B 113 -1.06 13.50 13.23
C ASN B 113 -1.02 12.02 13.61
N SER B 114 -1.82 11.24 12.90
CA SER B 114 -1.90 9.78 13.05
C SER B 114 -2.06 9.12 11.68
N GLY B 115 -1.68 7.86 11.58
CA GLY B 115 -1.86 7.11 10.35
C GLY B 115 -0.63 6.44 9.81
N LYS B 116 -0.78 5.95 8.59
CA LYS B 116 0.24 5.18 7.86
C LYS B 116 1.55 5.91 7.67
N GLU B 117 1.48 7.20 7.37
CA GLU B 117 2.71 7.97 7.20
C GLU B 117 3.47 8.00 8.51
N VAL B 118 2.76 8.18 9.61
CA VAL B 118 3.42 8.23 10.92
C VAL B 118 4.08 6.88 11.21
N LYS B 119 3.37 5.79 10.93
CA LYS B 119 3.89 4.45 11.14
C LYS B 119 5.19 4.24 10.35
N ALA B 120 5.18 4.63 9.07
CA ALA B 120 6.37 4.47 8.22
C ALA B 120 7.56 5.24 8.80
N ALA B 121 7.31 6.46 9.25
CA ALA B 121 8.37 7.29 9.84
C ALA B 121 8.89 6.63 11.10
N GLN B 122 8.01 6.10 11.94
CA GLN B 122 8.41 5.47 13.19
C GLN B 122 9.25 4.21 12.95
N ILE B 123 8.87 3.44 11.93
CA ILE B 123 9.62 2.27 11.57
C ILE B 123 11.03 2.68 11.15
N MSE B 124 11.14 3.69 10.28
CA MSE B 124 12.46 4.15 9.81
C MSE B 124 13.31 4.73 10.91
O MSE B 124 14.49 4.41 11.03
CB MSE B 124 12.28 5.13 8.65
CG MSE B 124 11.80 4.32 7.44
SE MSE B 124 11.79 5.43 5.82
CE MSE B 124 10.23 6.47 6.33
N LEU B 125 12.71 5.55 11.76
CA LEU B 125 13.43 6.13 12.91
C LEU B 125 13.93 5.02 13.84
N THR B 126 13.09 4.03 14.09
CA THR B 126 13.49 2.91 14.92
C THR B 126 14.67 2.14 14.30
N LEU B 127 14.67 1.94 12.97
CA LEU B 127 15.83 1.29 12.31
C LEU B 127 17.14 2.06 12.52
N LEU B 128 17.04 3.38 12.62
CA LEU B 128 18.23 4.22 12.83
C LEU B 128 18.59 4.38 14.31
N GLY B 129 17.94 3.60 15.16
CA GLY B 129 18.23 3.59 16.58
C GLY B 129 17.40 4.48 17.47
N TYR B 130 16.50 5.29 16.90
CA TYR B 130 15.71 6.21 17.75
C TYR B 130 14.66 5.44 18.52
N ASN B 131 14.39 5.92 19.72
CA ASN B 131 13.45 5.31 20.61
C ASN B 131 12.11 6.04 20.50
N VAL B 132 11.19 5.43 19.75
CA VAL B 132 9.84 5.95 19.57
C VAL B 132 8.92 4.74 19.66
N GLY B 133 7.67 4.94 20.01
CA GLY B 133 6.73 3.83 20.02
C GLY B 133 6.23 3.73 18.59
N ILE B 134 6.11 2.51 18.06
CA ILE B 134 5.60 2.35 16.69
C ILE B 134 4.11 2.03 16.78
N ASP B 135 3.32 3.10 16.93
CA ASP B 135 1.86 3.00 17.10
C ASP B 135 1.07 3.93 16.18
N SER B 136 1.73 4.51 15.18
CA SER B 136 1.07 5.39 14.20
C SER B 136 0.60 6.75 14.74
N SER B 137 0.94 7.08 16.00
CA SER B 137 0.57 8.39 16.55
C SER B 137 1.83 9.23 16.80
N PHE B 138 1.87 10.41 16.18
CA PHE B 138 3.00 11.33 16.24
C PHE B 138 2.93 12.16 17.52
N GLY B 139 3.50 11.63 18.59
CA GLY B 139 3.55 12.32 19.89
C GLY B 139 4.91 12.89 20.18
N SER B 140 5.16 13.12 21.46
CA SER B 140 6.41 13.72 21.92
C SER B 140 7.65 12.92 21.58
N LYS B 141 7.60 11.61 21.80
CA LYS B 141 8.75 10.77 21.51
C LYS B 141 9.12 10.82 20.04
N THR B 142 8.10 10.83 19.18
CA THR B 142 8.35 10.92 17.74
C THR B 142 8.93 12.30 17.42
N TYR B 143 8.35 13.34 18.03
CA TYR B 143 8.83 14.71 17.83
C TYR B 143 10.31 14.82 18.21
N ASN B 144 10.66 14.32 19.40
CA ASN B 144 12.05 14.38 19.86
C ASN B 144 13.01 13.64 18.93
N ALA B 145 12.59 12.47 18.45
CA ALA B 145 13.39 11.67 17.55
C ALA B 145 13.60 12.37 16.22
N VAL B 146 12.54 12.99 15.70
CA VAL B 146 12.61 13.71 14.45
C VAL B 146 13.58 14.90 14.57
N VAL B 147 13.47 15.65 15.65
CA VAL B 147 14.37 16.79 15.90
C VAL B 147 15.81 16.30 15.99
N SER B 148 16.04 15.22 16.74
CA SER B 148 17.40 14.68 16.90
C SER B 148 17.97 14.21 15.58
N PHE B 149 17.16 13.48 14.83
CA PHE B 149 17.52 13.00 13.52
C PHE B 149 17.89 14.17 12.62
N GLN B 150 17.04 15.19 12.62
CA GLN B 150 17.29 16.37 11.81
C GLN B 150 18.61 17.04 12.16
N LYS B 151 18.89 17.19 13.46
CA LYS B 151 20.15 17.78 13.89
C LYS B 151 21.33 16.91 13.46
N LYS B 152 21.21 15.60 13.60
CA LYS B 152 22.31 14.72 13.24
C LYS B 152 22.69 14.84 11.77
N TYR B 153 21.71 14.91 10.89
CA TYR B 153 21.99 14.96 9.44
C TYR B 153 21.91 16.33 8.78
N GLY B 154 22.04 17.39 9.55
CA GLY B 154 22.06 18.75 8.99
C GLY B 154 20.77 19.26 8.34
N LEU B 155 19.63 18.72 8.74
CA LEU B 155 18.34 19.18 8.27
C LEU B 155 17.86 20.23 9.26
N SER B 156 16.97 21.12 8.81
CA SER B 156 16.34 22.09 9.71
C SER B 156 15.56 21.27 10.74
N ALA B 157 15.85 21.53 12.01
CA ALA B 157 15.28 20.76 13.10
C ALA B 157 13.94 21.31 13.56
N ASP B 158 12.96 21.31 12.67
CA ASP B 158 11.62 21.81 13.01
C ASP B 158 10.66 20.75 13.59
N GLY B 159 11.11 19.49 13.66
CA GLY B 159 10.27 18.42 14.17
C GLY B 159 9.18 17.97 13.21
N ILE B 160 9.23 18.44 11.97
CA ILE B 160 8.24 18.13 10.96
C ILE B 160 8.84 17.28 9.85
N ILE B 161 8.15 16.20 9.52
CA ILE B 161 8.65 15.34 8.46
C ILE B 161 8.01 15.78 7.15
N GLY B 162 8.83 16.39 6.31
CA GLY B 162 8.46 16.85 4.98
C GLY B 162 9.43 16.21 4.00
N PRO B 163 9.40 16.62 2.75
CA PRO B 163 10.23 16.05 1.67
C PRO B 163 11.70 15.83 2.02
N ALA B 164 12.34 16.84 2.61
CA ALA B 164 13.77 16.73 2.95
C ALA B 164 14.02 15.63 3.96
N THR B 165 13.16 15.56 4.97
CA THR B 165 13.33 14.59 6.03
C THR B 165 12.98 13.18 5.55
N TRP B 166 11.92 13.05 4.74
CA TRP B 166 11.55 11.75 4.16
C TRP B 166 12.69 11.26 3.28
N ASP B 167 13.25 12.17 2.49
CA ASP B 167 14.33 11.82 1.58
C ASP B 167 15.52 11.24 2.31
N LYS B 168 15.88 11.86 3.43
CA LYS B 168 17.04 11.44 4.21
C LYS B 168 16.77 10.10 4.89
N LEU B 169 15.60 9.97 5.51
CA LEU B 169 15.20 8.72 6.15
C LEU B 169 15.23 7.57 5.14
N GLY B 170 14.67 7.83 3.96
CA GLY B 170 14.64 6.84 2.91
C GLY B 170 16.02 6.38 2.46
N ARG B 171 16.93 7.32 2.25
CA ARG B 171 18.28 6.98 1.77
C ARG B 171 19.08 6.19 2.81
N LEU B 172 18.86 6.48 4.09
CA LEU B 172 19.56 5.79 5.16
C LEU B 172 18.99 4.42 5.50
N THR B 173 17.70 4.20 5.25
CA THR B 173 17.08 2.92 5.58
C THR B 173 16.91 1.95 4.39
N ASP B 174 17.07 2.43 3.15
CA ASP B 174 17.02 1.56 1.96
C ASP B 174 18.48 1.20 1.64
N PRO B 175 18.86 -0.08 1.81
CA PRO B 175 20.26 -0.47 1.58
C PRO B 175 20.74 -0.34 0.14
N THR B 176 19.82 -0.29 -0.83
CA THR B 176 20.19 -0.16 -2.23
C THR B 176 20.55 1.29 -2.58
N LEU B 177 20.38 2.21 -1.63
CA LEU B 177 20.68 3.64 -1.82
C LEU B 177 21.76 4.14 -0.88
N SER B 178 22.27 5.32 -1.20
CA SER B 178 23.32 5.99 -0.42
C SER B 178 22.78 7.33 0.11
N HGA C . 2.62 -16.70 -16.59
CA HGA C . 3.59 -16.70 -15.51
CB HGA C . 4.46 -17.95 -15.62
CG HGA C . 4.97 -18.47 -14.27
CD HGA C . 3.87 -19.10 -13.43
OE1 HGA C . 3.61 -18.64 -12.34
NE2 HGA C . 3.23 -20.16 -13.95
OZ2 HGA C . 2.19 -20.77 -13.26
C HGA C . 4.41 -15.43 -15.57
O HGA C . 3.88 -14.42 -16.08
OXT HGA C . 5.58 -15.40 -15.11
N HGA D . 11.03 19.80 7.65
CA HGA D . 10.38 19.73 6.35
CB HGA D . 10.32 21.12 5.71
CG HGA D . 9.23 21.96 6.36
CD HGA D . 7.83 21.68 5.84
OE1 HGA D . 7.64 21.05 4.81
NE2 HGA D . 6.82 22.19 6.56
OZ2 HGA D . 7.07 22.95 7.71
C HGA D . 11.14 18.75 5.49
O HGA D . 11.61 17.74 6.06
OXT HGA D . 11.25 18.93 4.25
#